data_3KB2
#
_entry.id   3KB2
#
_cell.length_a   45.478
_cell.length_b   63.050
_cell.length_c   70.456
_cell.angle_alpha   90.000
_cell.angle_beta   91.570
_cell.angle_gamma   90.000
#
_symmetry.space_group_name_H-M   'P 1 21 1'
#
loop_
_entity.id
_entity.type
_entity.pdbx_description
1 polymer 'SPBc2 prophage-derived uncharacterized protein yorR'
2 non-polymer "GUANOSINE-3'-MONOPHOSPHATE-5'-DIPHOSPHATE"
3 non-polymer 'MAGNESIUM ION'
4 water water
#
_entity_poly.entity_id   1
_entity_poly.type   'polypeptide(L)'
_entity_poly.pdbx_seq_one_letter_code
;(MSE)TLIILEGPDCCFKSTVAAKLSKELKYPIIKGSSFELAKSGNEKLFEHFNKLADEDNVIIDRFVYSNLVYAKKFKD
YSILTERQLRFIEDKIKAKAKVVYLHADPSVIKKRLRVRGDEYIEGKDIDSILELYREV(MSE)SNAGLHTYSWDTGQWS
SDEIAKDIIFLVELEHHHHHH
;
_entity_poly.pdbx_strand_id   A,B
#
loop_
_chem_comp.id
_chem_comp.type
_chem_comp.name
_chem_comp.formula
G3D non-polymer GUANOSINE-3'-MONOPHOSPHATE-5'-DIPHOSPHATE 'C10 H16 N5 O14 P3'
MG non-polymer 'MAGNESIUM ION' 'Mg 2'
#
# COMPACT_ATOMS: atom_id res chain seq x y z
N THR A 2 -31.59 -1.81 -8.83
CA THR A 2 -30.54 -2.63 -9.50
C THR A 2 -29.31 -2.60 -8.59
N LEU A 3 -28.32 -3.42 -8.91
CA LEU A 3 -27.10 -3.50 -8.13
C LEU A 3 -25.95 -2.84 -8.88
N ILE A 4 -25.51 -1.69 -8.38
CA ILE A 4 -24.44 -0.94 -9.03
C ILE A 4 -23.09 -1.27 -8.43
N ILE A 5 -22.18 -1.77 -9.26
CA ILE A 5 -20.85 -2.14 -8.81
C ILE A 5 -19.80 -1.19 -9.40
N LEU A 6 -19.03 -0.56 -8.51
CA LEU A 6 -17.98 0.38 -8.93
C LEU A 6 -16.60 -0.22 -8.77
N GLU A 7 -15.89 -0.37 -9.88
CA GLU A 7 -14.56 -0.95 -9.86
C GLU A 7 -13.56 -0.05 -10.55
N GLY A 8 -12.30 -0.28 -10.27
CA GLY A 8 -11.25 0.52 -10.87
C GLY A 8 -10.19 0.89 -9.85
N PRO A 9 -9.02 1.34 -10.34
CA PRO A 9 -7.91 1.73 -9.48
C PRO A 9 -8.26 2.95 -8.62
N ASP A 10 -7.39 3.26 -7.66
CA ASP A 10 -7.58 4.39 -6.77
C ASP A 10 -7.65 5.75 -7.46
N CYS A 11 -8.29 6.69 -6.79
CA CYS A 11 -8.41 8.04 -7.30
C CYS A 11 -9.10 8.15 -8.64
N CYS A 12 -10.15 7.35 -8.84
CA CYS A 12 -10.88 7.39 -10.09
C CYS A 12 -12.34 7.75 -9.85
N PHE A 13 -12.58 8.54 -8.81
CA PHE A 13 -13.89 9.02 -8.46
C PHE A 13 -14.90 7.97 -7.99
N LYS A 14 -14.44 6.75 -7.74
CA LYS A 14 -15.36 5.69 -7.32
C LYS A 14 -16.26 6.06 -6.14
N SER A 15 -15.65 6.48 -5.04
CA SER A 15 -16.42 6.83 -3.85
C SER A 15 -17.29 8.07 -3.99
N THR A 16 -16.80 9.02 -4.80
CA THR A 16 -17.51 10.26 -5.07
C THR A 16 -18.76 9.88 -5.90
N VAL A 17 -18.54 9.13 -6.97
CA VAL A 17 -19.65 8.70 -7.81
C VAL A 17 -20.67 7.99 -6.96
N ALA A 18 -20.20 7.07 -6.12
CA ALA A 18 -21.05 6.30 -5.23
C ALA A 18 -21.94 7.20 -4.37
N ALA A 19 -21.33 8.25 -3.83
CA ALA A 19 -22.06 9.20 -2.97
C ALA A 19 -23.11 9.97 -3.75
N LYS A 20 -22.78 10.34 -4.99
CA LYS A 20 -23.69 11.09 -5.84
C LYS A 20 -24.85 10.20 -6.32
N LEU A 21 -24.55 8.95 -6.63
CA LEU A 21 -25.57 8.01 -7.09
C LEU A 21 -26.50 7.69 -5.93
N SER A 22 -25.93 7.57 -4.73
CA SER A 22 -26.71 7.25 -3.54
C SER A 22 -27.68 8.36 -3.14
N LYS A 23 -27.24 9.61 -3.31
CA LYS A 23 -28.09 10.75 -2.97
C LYS A 23 -29.30 10.74 -3.89
N GLU A 24 -29.08 10.52 -5.18
CA GLU A 24 -30.16 10.48 -6.16
C GLU A 24 -31.01 9.23 -6.07
N LEU A 25 -30.41 8.07 -6.35
CA LEU A 25 -31.13 6.80 -6.34
C LEU A 25 -31.55 6.36 -4.95
N LYS A 26 -30.92 6.97 -3.95
CA LYS A 26 -31.16 6.66 -2.55
C LYS A 26 -30.74 5.24 -2.21
N TYR A 27 -29.72 4.74 -2.91
CA TYR A 27 -29.20 3.41 -2.64
C TYR A 27 -28.13 3.51 -1.56
N PRO A 28 -28.10 2.55 -0.63
CA PRO A 28 -27.07 2.63 0.42
C PRO A 28 -25.74 2.30 -0.25
N ILE A 29 -24.64 2.76 0.34
CA ILE A 29 -23.30 2.52 -0.19
C ILE A 29 -22.56 1.51 0.68
N ILE A 30 -22.02 0.46 0.05
CA ILE A 30 -21.29 -0.58 0.78
C ILE A 30 -19.93 -0.86 0.12
N LYS A 31 -18.88 -0.94 0.93
CA LYS A 31 -17.55 -1.24 0.41
C LYS A 31 -17.47 -2.76 0.27
N GLY A 32 -17.12 -3.25 -0.91
CA GLY A 32 -17.05 -4.68 -1.12
C GLY A 32 -15.77 -5.35 -0.69
N SER A 33 -14.67 -4.98 -1.36
CA SER A 33 -13.36 -5.55 -1.05
C SER A 33 -12.75 -4.98 0.22
N SER A 34 -12.61 -5.85 1.21
CA SER A 34 -12.04 -5.49 2.49
C SER A 34 -10.69 -6.18 2.65
N PHE A 35 -9.66 -5.40 2.98
CA PHE A 35 -8.33 -5.96 3.15
C PHE A 35 -8.36 -6.97 4.29
N GLU A 36 -9.04 -6.64 5.37
CA GLU A 36 -9.12 -7.53 6.53
C GLU A 36 -9.81 -8.85 6.20
N LEU A 37 -10.88 -8.77 5.42
CA LEU A 37 -11.61 -9.97 5.03
C LEU A 37 -10.79 -10.82 4.08
N ALA A 38 -10.00 -10.17 3.23
CA ALA A 38 -9.19 -10.89 2.28
C ALA A 38 -8.17 -11.79 2.95
N LYS A 39 -7.66 -11.36 4.10
CA LYS A 39 -6.67 -12.14 4.83
C LYS A 39 -7.27 -13.16 5.80
N SER A 40 -8.59 -13.30 5.83
CA SER A 40 -9.22 -14.25 6.75
C SER A 40 -9.57 -15.59 6.08
N GLY A 41 -9.10 -15.78 4.84
CA GLY A 41 -9.33 -17.02 4.13
C GLY A 41 -10.38 -17.00 3.03
N ASN A 42 -10.29 -17.94 2.10
CA ASN A 42 -11.25 -17.98 1.02
C ASN A 42 -12.72 -18.22 1.42
N GLU A 43 -12.96 -19.19 2.30
CA GLU A 43 -14.31 -19.48 2.77
C GLU A 43 -14.99 -18.20 3.29
N LYS A 44 -14.29 -17.47 4.16
CA LYS A 44 -14.82 -16.23 4.70
C LYS A 44 -15.04 -15.26 3.54
N LEU A 45 -14.08 -15.21 2.61
CA LEU A 45 -14.13 -14.31 1.46
C LEU A 45 -15.37 -14.53 0.60
N PHE A 46 -15.53 -15.76 0.15
CA PHE A 46 -16.65 -16.13 -0.70
C PHE A 46 -17.99 -15.90 -0.02
N GLU A 47 -18.07 -16.26 1.25
CA GLU A 47 -19.29 -16.09 2.03
C GLU A 47 -19.77 -14.62 1.99
N HIS A 48 -18.84 -13.70 2.23
CA HIS A 48 -19.16 -12.28 2.23
C HIS A 48 -19.63 -11.79 0.85
N PHE A 49 -18.94 -12.21 -0.20
CA PHE A 49 -19.30 -11.79 -1.55
C PHE A 49 -20.65 -12.34 -1.94
N ASN A 50 -20.93 -13.55 -1.48
CA ASN A 50 -22.21 -14.18 -1.81
C ASN A 50 -23.36 -13.44 -1.15
N LYS A 51 -23.14 -12.94 0.06
CA LYS A 51 -24.18 -12.20 0.77
C LYS A 51 -24.43 -10.89 0.04
N LEU A 52 -23.37 -10.23 -0.41
CA LEU A 52 -23.57 -8.98 -1.12
C LEU A 52 -24.34 -9.29 -2.38
N ALA A 53 -24.06 -10.43 -3.00
CA ALA A 53 -24.74 -10.83 -4.22
C ALA A 53 -26.24 -10.98 -4.03
N ASP A 54 -26.69 -11.06 -2.79
CA ASP A 54 -28.12 -11.19 -2.53
C ASP A 54 -28.76 -9.81 -2.50
N GLU A 55 -27.97 -8.80 -2.15
CA GLU A 55 -28.44 -7.42 -2.07
C GLU A 55 -28.89 -6.88 -3.42
N ASP A 56 -29.69 -5.83 -3.37
CA ASP A 56 -30.17 -5.17 -4.58
C ASP A 56 -30.51 -3.73 -4.20
N ASN A 57 -30.45 -2.84 -5.18
CA ASN A 57 -30.72 -1.43 -4.95
C ASN A 57 -29.68 -0.85 -4.00
N VAL A 58 -28.42 -1.19 -4.22
CA VAL A 58 -27.34 -0.68 -3.42
C VAL A 58 -26.18 -0.44 -4.34
N ILE A 59 -25.19 0.29 -3.84
CA ILE A 59 -24.00 0.62 -4.61
C ILE A 59 -22.83 -0.04 -3.90
N ILE A 60 -22.09 -0.88 -4.63
CA ILE A 60 -20.94 -1.58 -4.06
C ILE A 60 -19.65 -0.90 -4.55
N ASP A 61 -18.98 -0.21 -3.64
CA ASP A 61 -17.72 0.49 -3.92
C ASP A 61 -16.60 -0.55 -3.82
N ARG A 62 -16.19 -1.10 -4.97
CA ARG A 62 -15.16 -2.12 -5.08
C ARG A 62 -15.76 -3.48 -4.73
N PHE A 63 -15.56 -4.46 -5.59
CA PHE A 63 -16.16 -5.78 -5.38
C PHE A 63 -15.25 -6.95 -5.81
N VAL A 64 -15.84 -7.98 -6.42
CA VAL A 64 -15.11 -9.18 -6.85
C VAL A 64 -13.95 -8.93 -7.81
N TYR A 65 -14.06 -7.94 -8.67
CA TYR A 65 -12.97 -7.69 -9.61
C TYR A 65 -11.75 -7.10 -8.94
N SER A 66 -11.94 -6.15 -8.03
CA SER A 66 -10.80 -5.59 -7.32
C SER A 66 -10.12 -6.72 -6.53
N ASN A 67 -10.91 -7.70 -6.07
CA ASN A 67 -10.32 -8.81 -5.34
C ASN A 67 -9.32 -9.55 -6.20
N LEU A 68 -9.70 -9.82 -7.44
CA LEU A 68 -8.83 -10.50 -8.40
C LEU A 68 -7.52 -9.75 -8.64
N VAL A 69 -7.58 -8.42 -8.61
CA VAL A 69 -6.42 -7.55 -8.84
C VAL A 69 -5.46 -7.58 -7.66
N TYR A 70 -5.96 -7.21 -6.49
CA TYR A 70 -5.14 -7.15 -5.28
C TYR A 70 -4.65 -8.48 -4.72
N ALA A 71 -5.24 -9.58 -5.18
CA ALA A 71 -4.83 -10.90 -4.73
C ALA A 71 -3.49 -11.25 -5.38
N LYS A 72 -3.19 -10.58 -6.48
CA LYS A 72 -1.95 -10.82 -7.20
C LYS A 72 -0.85 -9.87 -6.69
N LYS A 73 -1.18 -9.02 -5.71
CA LYS A 73 -0.21 -8.07 -5.18
C LYS A 73 0.17 -8.25 -3.72
N PHE A 74 -0.76 -8.77 -2.92
CA PHE A 74 -0.50 -8.96 -1.50
C PHE A 74 -0.45 -10.42 -1.11
N LYS A 75 0.38 -10.71 -0.11
CA LYS A 75 0.49 -12.08 0.37
C LYS A 75 -0.60 -12.32 1.41
N ASP A 76 -0.90 -13.60 1.65
CA ASP A 76 -1.93 -13.99 2.59
C ASP A 76 -3.20 -13.18 2.30
N TYR A 77 -3.52 -13.04 1.01
CA TYR A 77 -4.67 -12.29 0.55
C TYR A 77 -5.51 -13.19 -0.34
N SER A 78 -6.57 -13.76 0.22
CA SER A 78 -7.44 -14.68 -0.51
C SER A 78 -8.05 -14.13 -1.80
N ILE A 79 -8.22 -15.03 -2.76
CA ILE A 79 -8.80 -14.68 -4.03
C ILE A 79 -9.92 -15.64 -4.39
N LEU A 80 -10.92 -15.14 -5.11
CA LEU A 80 -12.00 -16.01 -5.52
C LEU A 80 -11.47 -16.99 -6.56
N THR A 81 -12.09 -18.16 -6.65
CA THR A 81 -11.68 -19.13 -7.66
C THR A 81 -12.52 -18.82 -8.89
N GLU A 82 -12.14 -19.38 -10.03
CA GLU A 82 -12.87 -19.18 -11.26
C GLU A 82 -14.33 -19.56 -11.07
N ARG A 83 -14.55 -20.71 -10.44
CA ARG A 83 -15.89 -21.20 -10.22
C ARG A 83 -16.71 -20.26 -9.34
N GLN A 84 -16.14 -19.79 -8.23
CA GLN A 84 -16.88 -18.89 -7.36
C GLN A 84 -17.23 -17.59 -8.09
N LEU A 85 -16.25 -16.99 -8.76
CA LEU A 85 -16.47 -15.75 -9.49
C LEU A 85 -17.61 -15.95 -10.48
N ARG A 86 -17.55 -17.04 -11.21
CA ARG A 86 -18.57 -17.35 -12.19
C ARG A 86 -19.93 -17.51 -11.51
N PHE A 87 -19.93 -18.08 -10.31
CA PHE A 87 -21.16 -18.27 -9.56
C PHE A 87 -21.78 -16.93 -9.17
N ILE A 88 -20.96 -16.02 -8.68
CA ILE A 88 -21.44 -14.70 -8.27
C ILE A 88 -21.99 -13.88 -9.44
N GLU A 89 -21.33 -13.99 -10.59
CA GLU A 89 -21.76 -13.27 -11.78
C GLU A 89 -23.15 -13.74 -12.24
N ASP A 90 -23.31 -15.06 -12.34
CA ASP A 90 -24.59 -15.60 -12.76
C ASP A 90 -25.68 -15.19 -11.78
N LYS A 91 -25.32 -15.12 -10.51
CA LYS A 91 -26.27 -14.76 -9.48
C LYS A 91 -26.81 -13.31 -9.54
N ILE A 92 -26.04 -12.38 -10.12
CA ILE A 92 -26.47 -10.98 -10.18
C ILE A 92 -26.48 -10.40 -11.60
N LYS A 93 -26.35 -11.25 -12.59
CA LYS A 93 -26.34 -10.81 -13.98
C LYS A 93 -27.61 -10.08 -14.41
N ALA A 94 -28.74 -10.43 -13.79
CA ALA A 94 -30.01 -9.82 -14.15
C ALA A 94 -30.36 -8.56 -13.36
N LYS A 95 -29.41 -8.04 -12.59
CA LYS A 95 -29.70 -6.88 -11.80
C LYS A 95 -28.47 -6.03 -11.62
N ALA A 96 -27.35 -6.56 -12.09
CA ALA A 96 -26.11 -5.85 -11.91
C ALA A 96 -25.72 -4.92 -13.03
N LYS A 97 -25.09 -3.82 -12.65
CA LYS A 97 -24.56 -2.82 -13.56
C LYS A 97 -23.12 -2.68 -13.09
N VAL A 98 -22.20 -3.22 -13.89
CA VAL A 98 -20.78 -3.18 -13.56
C VAL A 98 -20.08 -1.96 -14.13
N VAL A 99 -19.61 -1.08 -13.26
CA VAL A 99 -18.93 0.12 -13.72
C VAL A 99 -17.42 0.04 -13.51
N TYR A 100 -16.67 0.40 -14.54
CA TYR A 100 -15.22 0.39 -14.48
C TYR A 100 -14.74 1.82 -14.68
N LEU A 101 -14.23 2.43 -13.61
CA LEU A 101 -13.74 3.77 -13.71
C LEU A 101 -12.22 3.73 -13.77
N HIS A 102 -11.65 4.36 -14.79
CA HIS A 102 -10.19 4.37 -14.94
C HIS A 102 -9.63 5.74 -15.34
N ALA A 103 -8.38 5.75 -15.74
CA ALA A 103 -7.69 6.96 -16.19
C ALA A 103 -6.27 6.57 -16.58
N ASP A 104 -5.64 7.37 -17.42
CA ASP A 104 -4.27 7.09 -17.83
C ASP A 104 -3.39 7.07 -16.58
N PRO A 105 -2.21 6.41 -16.66
CA PRO A 105 -1.27 6.31 -15.54
C PRO A 105 -0.79 7.69 -15.10
N SER A 106 -0.52 8.55 -16.07
CA SER A 106 -0.07 9.89 -15.76
C SER A 106 -1.08 10.61 -14.86
N VAL A 107 -2.36 10.52 -15.23
CA VAL A 107 -3.43 11.14 -14.46
C VAL A 107 -3.54 10.58 -13.04
N ILE A 108 -3.42 9.26 -12.94
CA ILE A 108 -3.48 8.59 -11.66
C ILE A 108 -2.32 9.04 -10.79
N LYS A 109 -1.12 9.01 -11.35
CA LYS A 109 0.05 9.41 -10.60
C LYS A 109 -0.10 10.83 -10.08
N LYS A 110 -0.67 11.71 -10.89
CA LYS A 110 -0.89 13.10 -10.51
C LYS A 110 -1.83 13.18 -9.30
N ARG A 111 -2.93 12.44 -9.35
CA ARG A 111 -3.88 12.48 -8.26
C ARG A 111 -3.28 11.95 -6.97
N LEU A 112 -2.32 11.04 -7.09
CA LEU A 112 -1.64 10.48 -5.92
C LEU A 112 -0.71 11.52 -5.30
N ARG A 113 0.00 12.25 -6.15
CA ARG A 113 0.89 13.29 -5.68
C ARG A 113 0.08 14.30 -4.88
N VAL A 114 -0.96 14.86 -5.49
CA VAL A 114 -1.76 15.84 -4.79
C VAL A 114 -2.43 15.26 -3.54
N ARG A 115 -2.82 14.00 -3.60
CA ARG A 115 -3.44 13.37 -2.44
C ARG A 115 -2.44 13.36 -1.29
N GLY A 116 -1.16 13.30 -1.64
CA GLY A 116 -0.11 13.26 -0.64
C GLY A 116 0.44 11.85 -0.51
N ASP A 117 1.49 11.56 -1.27
CA ASP A 117 2.11 10.23 -1.23
C ASP A 117 3.63 10.28 -1.20
N GLU A 118 4.24 11.09 -2.07
CA GLU A 118 5.70 11.22 -2.14
C GLU A 118 6.32 10.00 -2.80
N TYR A 119 5.99 8.82 -2.28
CA TYR A 119 6.49 7.54 -2.77
C TYR A 119 5.74 7.06 -4.02
N ILE A 120 5.78 7.87 -5.08
CA ILE A 120 5.11 7.56 -6.34
C ILE A 120 5.69 6.32 -7.01
N GLU A 121 5.05 5.17 -6.77
CA GLU A 121 5.51 3.92 -7.35
C GLU A 121 5.03 3.78 -8.79
N GLY A 122 5.78 4.38 -9.71
CA GLY A 122 5.41 4.34 -11.11
C GLY A 122 5.12 2.95 -11.65
N LYS A 123 6.12 2.07 -11.56
CA LYS A 123 5.96 0.70 -12.04
C LYS A 123 4.81 -0.06 -11.38
N ASP A 124 4.66 0.09 -10.06
CA ASP A 124 3.59 -0.59 -9.35
C ASP A 124 2.24 -0.12 -9.84
N ILE A 125 2.09 1.20 -9.94
CA ILE A 125 0.85 1.79 -10.40
C ILE A 125 0.49 1.28 -11.79
N ASP A 126 1.50 1.08 -12.64
CA ASP A 126 1.25 0.58 -13.98
C ASP A 126 0.72 -0.84 -14.00
N SER A 127 1.36 -1.72 -13.21
CA SER A 127 0.96 -3.11 -13.16
C SER A 127 -0.46 -3.25 -12.61
N ILE A 128 -0.84 -2.38 -11.70
CA ILE A 128 -2.18 -2.43 -11.12
C ILE A 128 -3.21 -1.99 -12.15
N LEU A 129 -2.89 -0.91 -12.87
CA LEU A 129 -3.78 -0.38 -13.89
C LEU A 129 -4.01 -1.43 -14.97
N GLU A 130 -2.93 -2.11 -15.36
CA GLU A 130 -3.00 -3.15 -16.39
C GLU A 130 -3.82 -4.33 -15.94
N LEU A 131 -3.66 -4.73 -14.69
CA LEU A 131 -4.41 -5.85 -14.12
C LEU A 131 -5.91 -5.57 -14.21
N TYR A 132 -6.29 -4.35 -13.86
CA TYR A 132 -7.68 -3.93 -13.91
C TYR A 132 -8.21 -4.05 -15.33
N ARG A 133 -7.48 -3.52 -16.30
CA ARG A 133 -7.96 -3.63 -17.67
C ARG A 133 -8.19 -5.07 -18.04
N GLU A 134 -7.21 -5.91 -17.75
CA GLU A 134 -7.30 -7.33 -18.07
C GLU A 134 -8.43 -8.06 -17.35
N VAL A 135 -8.58 -7.80 -16.06
CA VAL A 135 -9.65 -8.44 -15.30
C VAL A 135 -11.01 -7.94 -15.75
N MSE A 136 -11.11 -6.66 -16.12
CA MSE A 136 -12.38 -6.11 -16.59
C MSE A 136 -12.74 -6.63 -17.97
O MSE A 136 -13.90 -6.91 -18.25
CB MSE A 136 -12.37 -4.58 -16.60
CG MSE A 136 -12.26 -3.91 -15.23
SE MSE A 136 -13.42 -4.66 -13.86
CE MSE A 136 -15.15 -4.11 -14.53
N SER A 137 -11.75 -6.72 -18.85
CA SER A 137 -11.99 -7.22 -20.21
C SER A 137 -12.46 -8.65 -20.11
N ASN A 138 -11.96 -9.35 -19.10
CA ASN A 138 -12.31 -10.75 -18.89
C ASN A 138 -13.54 -10.98 -18.02
N ALA A 139 -14.22 -9.90 -17.68
CA ALA A 139 -15.41 -9.98 -16.86
C ALA A 139 -16.49 -10.80 -17.57
N GLY A 140 -17.17 -11.65 -16.81
CA GLY A 140 -18.22 -12.47 -17.38
C GLY A 140 -19.52 -11.70 -17.47
N LEU A 141 -19.48 -10.43 -17.05
CA LEU A 141 -20.64 -9.57 -17.09
C LEU A 141 -20.33 -8.36 -17.95
N HIS A 142 -21.35 -7.81 -18.58
CA HIS A 142 -21.19 -6.63 -19.43
C HIS A 142 -20.72 -5.54 -18.47
N THR A 143 -19.83 -4.67 -18.94
CA THR A 143 -19.30 -3.59 -18.11
C THR A 143 -19.32 -2.24 -18.83
N TYR A 144 -19.42 -1.16 -18.07
CA TYR A 144 -19.40 0.18 -18.65
C TYR A 144 -18.19 0.89 -18.07
N SER A 145 -17.39 1.50 -18.94
CA SER A 145 -16.19 2.19 -18.54
C SER A 145 -16.25 3.69 -18.80
N TRP A 146 -15.57 4.43 -17.94
CA TRP A 146 -15.48 5.88 -18.02
C TRP A 146 -14.06 6.32 -17.69
N ASP A 147 -13.48 7.13 -18.56
CA ASP A 147 -12.13 7.66 -18.38
C ASP A 147 -12.30 8.90 -17.50
N THR A 148 -12.00 8.76 -16.21
CA THR A 148 -12.13 9.85 -15.25
C THR A 148 -11.19 11.01 -15.55
N GLY A 149 -10.35 10.83 -16.56
CA GLY A 149 -9.43 11.88 -16.93
C GLY A 149 -10.13 12.91 -17.80
N GLN A 150 -11.29 12.55 -18.34
CA GLN A 150 -12.05 13.46 -19.20
C GLN A 150 -13.53 13.51 -18.84
N TRP A 151 -13.93 12.71 -17.87
CA TRP A 151 -15.32 12.66 -17.41
C TRP A 151 -15.37 12.95 -15.92
N SER A 152 -16.19 13.92 -15.50
CA SER A 152 -16.32 14.28 -14.08
C SER A 152 -17.28 13.35 -13.34
N SER A 153 -17.19 13.29 -12.01
CA SER A 153 -18.07 12.42 -11.25
C SER A 153 -19.53 12.79 -11.45
N ASP A 154 -19.81 14.06 -11.73
CA ASP A 154 -21.19 14.47 -11.98
C ASP A 154 -21.68 13.85 -13.27
N GLU A 155 -20.91 14.05 -14.33
CA GLU A 155 -21.25 13.51 -15.64
C GLU A 155 -21.38 12.00 -15.62
N ILE A 156 -20.52 11.33 -14.85
CA ILE A 156 -20.56 9.88 -14.76
C ILE A 156 -21.84 9.45 -14.03
N ALA A 157 -22.10 10.01 -12.85
CA ALA A 157 -23.30 9.67 -12.10
C ALA A 157 -24.55 9.90 -12.96
N LYS A 158 -24.59 11.00 -13.69
CA LYS A 158 -25.73 11.29 -14.56
C LYS A 158 -25.88 10.18 -15.60
N ASP A 159 -24.77 9.74 -16.20
CA ASP A 159 -24.84 8.66 -17.19
C ASP A 159 -25.38 7.38 -16.59
N ILE A 160 -24.89 7.04 -15.39
CA ILE A 160 -25.32 5.83 -14.72
C ILE A 160 -26.79 5.94 -14.29
N ILE A 161 -27.20 7.13 -13.88
CA ILE A 161 -28.59 7.34 -13.47
C ILE A 161 -29.48 7.10 -14.68
N PHE A 162 -29.00 7.57 -15.83
CA PHE A 162 -29.72 7.40 -17.08
C PHE A 162 -29.91 5.92 -17.38
N LEU A 163 -28.85 5.13 -17.24
CA LEU A 163 -28.88 3.69 -17.49
C LEU A 163 -29.82 2.92 -16.58
N VAL A 164 -29.87 3.30 -15.31
CA VAL A 164 -30.74 2.63 -14.36
C VAL A 164 -32.20 2.88 -14.73
N GLU A 165 -32.49 4.12 -15.09
CA GLU A 165 -33.85 4.49 -15.48
C GLU A 165 -34.23 3.75 -16.77
N LEU A 166 -33.33 3.70 -17.75
CA LEU A 166 -33.61 3.05 -19.03
C LEU A 166 -33.80 1.54 -18.91
N GLU A 167 -33.44 0.98 -17.76
CA GLU A 167 -33.56 -0.45 -17.51
C GLU A 167 -34.94 -1.08 -17.69
N HIS A 168 -36.01 -0.39 -17.28
CA HIS A 168 -37.33 -0.98 -17.44
C HIS A 168 -37.82 -0.93 -18.89
N HIS A 169 -36.88 -0.68 -19.81
CA HIS A 169 -37.16 -0.64 -21.24
C HIS A 169 -36.32 -1.73 -21.90
N HIS A 170 -35.32 -2.23 -21.16
CA HIS A 170 -34.42 -3.25 -21.64
C HIS A 170 -34.95 -4.65 -21.35
N HIS A 171 -34.73 -5.57 -22.28
CA HIS A 171 -35.19 -6.96 -22.16
C HIS A 171 -34.06 -7.94 -22.48
N HIS A 172 -34.27 -9.22 -22.13
CA HIS A 172 -33.30 -10.29 -22.36
C HIS A 172 -31.97 -10.00 -21.68
N THR B 2 30.73 6.19 10.29
CA THR B 2 29.76 5.22 10.84
C THR B 2 28.51 5.22 9.97
N LEU B 3 27.84 4.07 9.89
CA LEU B 3 26.61 3.93 9.09
C LEU B 3 25.39 4.13 9.97
N ILE B 4 24.62 5.17 9.68
CA ILE B 4 23.43 5.42 10.45
C ILE B 4 22.26 4.82 9.67
N ILE B 5 21.69 3.76 10.22
CA ILE B 5 20.59 3.06 9.59
C ILE B 5 19.28 3.45 10.28
N LEU B 6 18.34 3.95 9.49
CA LEU B 6 17.05 4.37 10.03
C LEU B 6 15.99 3.41 9.51
N GLU B 7 15.32 2.73 10.44
CA GLU B 7 14.29 1.76 10.10
C GLU B 7 12.98 2.12 10.79
N GLY B 8 11.89 1.51 10.32
CA GLY B 8 10.62 1.79 10.93
C GLY B 8 9.51 2.01 9.94
N PRO B 9 8.26 1.93 10.42
CA PRO B 9 7.11 2.14 9.55
C PRO B 9 7.00 3.61 9.15
N ASP B 10 6.24 3.87 8.10
CA ASP B 10 6.01 5.20 7.57
C ASP B 10 5.51 6.18 8.62
N CYS B 11 5.64 7.46 8.30
CA CYS B 11 5.22 8.54 9.17
C CYS B 11 5.87 8.48 10.54
N CYS B 12 7.18 8.34 10.57
CA CYS B 12 7.87 8.29 11.85
C CYS B 12 9.16 9.10 11.84
N PHE B 13 9.10 10.21 11.12
CA PHE B 13 10.20 11.15 11.03
C PHE B 13 11.51 10.62 10.43
N LYS B 14 11.45 9.48 9.77
CA LYS B 14 12.66 8.90 9.18
C LYS B 14 13.35 9.85 8.18
N SER B 15 12.62 10.34 7.20
CA SER B 15 13.23 11.23 6.20
C SER B 15 13.70 12.57 6.76
N THR B 16 12.95 13.11 7.71
CA THR B 16 13.29 14.37 8.35
C THR B 16 14.54 14.21 9.20
N VAL B 17 14.60 13.12 9.95
CA VAL B 17 15.76 12.84 10.80
C VAL B 17 16.97 12.75 9.88
N ALA B 18 16.85 11.92 8.86
CA ALA B 18 17.90 11.74 7.87
C ALA B 18 18.36 13.10 7.38
N ALA B 19 17.40 13.97 7.06
CA ALA B 19 17.71 15.30 6.57
C ALA B 19 18.54 16.10 7.56
N LYS B 20 18.09 16.14 8.81
CA LYS B 20 18.80 16.89 9.84
C LYS B 20 20.20 16.33 10.07
N LEU B 21 20.31 15.02 10.12
CA LEU B 21 21.59 14.36 10.36
C LEU B 21 22.57 14.59 9.21
N SER B 22 22.05 14.69 7.99
CA SER B 22 22.89 14.90 6.83
C SER B 22 23.42 16.33 6.84
N LYS B 23 22.55 17.27 7.18
CA LYS B 23 22.95 18.66 7.21
C LYS B 23 24.01 18.90 8.25
N GLU B 24 24.01 18.08 9.30
CA GLU B 24 24.94 18.24 10.41
C GLU B 24 26.21 17.39 10.32
N LEU B 25 26.02 16.10 10.07
CA LEU B 25 27.15 15.17 9.98
C LEU B 25 27.79 15.19 8.61
N LYS B 26 27.08 15.72 7.62
CA LYS B 26 27.56 15.79 6.26
C LYS B 26 27.64 14.42 5.62
N TYR B 27 26.81 13.49 6.11
CA TYR B 27 26.76 12.14 5.55
C TYR B 27 25.69 12.13 4.48
N PRO B 28 26.01 11.58 3.30
CA PRO B 28 25.07 11.51 2.19
C PRO B 28 23.90 10.65 2.63
N ILE B 29 22.72 10.93 2.08
CA ILE B 29 21.54 10.15 2.41
C ILE B 29 21.25 9.19 1.25
N ILE B 30 21.02 7.92 1.58
CA ILE B 30 20.74 6.91 0.57
C ILE B 30 19.54 6.05 0.96
N LYS B 31 18.66 5.80 -0.01
CA LYS B 31 17.49 4.97 0.26
C LYS B 31 17.91 3.52 0.14
N GLY B 32 17.65 2.74 1.18
CA GLY B 32 18.03 1.34 1.16
C GLY B 32 16.94 0.43 0.62
N SER B 33 16.05 0.02 1.51
CA SER B 33 14.95 -0.88 1.15
C SER B 33 14.05 -0.30 0.06
N SER B 34 14.36 -0.67 -1.18
CA SER B 34 13.59 -0.21 -2.33
C SER B 34 12.61 -1.28 -2.78
N PHE B 35 11.38 -0.86 -3.06
CA PHE B 35 10.35 -1.78 -3.50
C PHE B 35 10.74 -2.50 -4.79
N GLU B 36 10.84 -1.73 -5.87
CA GLU B 36 11.19 -2.32 -7.16
C GLU B 36 12.44 -3.15 -7.09
N LEU B 37 13.36 -2.79 -6.20
CA LEU B 37 14.59 -3.55 -6.03
C LEU B 37 14.29 -4.95 -5.50
N ALA B 38 13.42 -5.03 -4.50
CA ALA B 38 13.06 -6.32 -3.91
C ALA B 38 12.33 -7.18 -4.93
N LYS B 39 11.65 -6.55 -5.86
CA LYS B 39 10.93 -7.31 -6.87
C LYS B 39 11.83 -7.76 -8.01
N SER B 40 13.07 -7.25 -8.05
CA SER B 40 14.00 -7.62 -9.11
C SER B 40 14.72 -8.92 -8.80
N GLY B 41 14.46 -9.50 -7.62
CA GLY B 41 15.09 -10.75 -7.23
C GLY B 41 16.07 -10.68 -6.08
N ASN B 42 16.28 -11.80 -5.40
CA ASN B 42 17.19 -11.87 -4.27
C ASN B 42 18.62 -11.48 -4.56
N GLU B 43 19.16 -11.94 -5.69
CA GLU B 43 20.53 -11.61 -6.04
C GLU B 43 20.76 -10.10 -6.11
N LYS B 44 19.89 -9.40 -6.82
CA LYS B 44 20.03 -7.95 -6.93
C LYS B 44 19.78 -7.30 -5.57
N LEU B 45 18.83 -7.86 -4.82
CA LEU B 45 18.50 -7.36 -3.50
C LEU B 45 19.75 -7.43 -2.62
N PHE B 46 20.27 -8.63 -2.45
CA PHE B 46 21.43 -8.81 -1.61
C PHE B 46 22.65 -8.02 -2.08
N GLU B 47 22.92 -8.03 -3.37
CA GLU B 47 24.08 -7.28 -3.89
C GLU B 47 23.98 -5.80 -3.56
N HIS B 48 22.76 -5.26 -3.57
CA HIS B 48 22.58 -3.86 -3.25
C HIS B 48 22.95 -3.60 -1.80
N PHE B 49 22.40 -4.38 -0.88
CA PHE B 49 22.69 -4.22 0.54
C PHE B 49 24.16 -4.42 0.86
N ASN B 50 24.82 -5.30 0.10
CA ASN B 50 26.23 -5.60 0.28
C ASN B 50 27.07 -4.42 -0.19
N LYS B 51 26.57 -3.67 -1.16
CA LYS B 51 27.28 -2.50 -1.67
C LYS B 51 27.26 -1.46 -0.58
N LEU B 52 26.09 -1.21 -0.03
CA LEU B 52 25.95 -0.22 1.03
C LEU B 52 26.73 -0.66 2.28
N ALA B 53 26.64 -1.94 2.60
CA ALA B 53 27.33 -2.51 3.76
C ALA B 53 28.84 -2.28 3.67
N ASP B 54 29.36 -2.21 2.46
CA ASP B 54 30.79 -1.97 2.28
C ASP B 54 31.16 -0.51 2.43
N GLU B 55 30.16 0.37 2.52
CA GLU B 55 30.40 1.81 2.67
C GLU B 55 30.46 2.25 4.13
N ASP B 56 30.65 3.55 4.35
CA ASP B 56 30.71 4.10 5.72
C ASP B 56 30.40 5.58 5.63
N ASN B 57 30.04 6.19 6.76
CA ASN B 57 29.71 7.61 6.78
C ASN B 57 28.57 7.95 5.84
N VAL B 58 27.48 7.21 5.98
CA VAL B 58 26.30 7.46 5.18
C VAL B 58 25.07 7.20 6.03
N ILE B 59 23.96 7.73 5.56
CA ILE B 59 22.68 7.60 6.22
C ILE B 59 21.76 6.82 5.30
N ILE B 60 21.35 5.65 5.77
CA ILE B 60 20.48 4.79 4.98
C ILE B 60 19.06 4.86 5.52
N ASP B 61 18.14 5.35 4.69
CA ASP B 61 16.74 5.44 5.06
C ASP B 61 16.11 4.11 4.62
N ARG B 62 15.77 3.28 5.60
CA ARG B 62 15.19 1.94 5.40
C ARG B 62 16.30 1.02 4.87
N PHE B 63 16.49 -0.12 5.51
CA PHE B 63 17.58 -1.05 5.13
C PHE B 63 17.15 -2.53 5.15
N VAL B 64 18.03 -3.41 5.63
CA VAL B 64 17.71 -4.84 5.66
C VAL B 64 16.48 -5.21 6.47
N TYR B 65 16.35 -4.69 7.68
CA TYR B 65 15.21 -5.02 8.53
C TYR B 65 13.86 -4.67 7.89
N SER B 66 13.82 -3.61 7.10
CA SER B 66 12.56 -3.24 6.44
C SER B 66 12.20 -4.24 5.36
N ASN B 67 13.22 -4.85 4.79
CA ASN B 67 13.01 -5.83 3.74
C ASN B 67 12.35 -7.06 4.32
N LEU B 68 12.75 -7.40 5.54
CA LEU B 68 12.21 -8.57 6.22
C LEU B 68 10.75 -8.34 6.58
N VAL B 69 10.39 -7.08 6.74
CA VAL B 69 9.01 -6.74 7.08
C VAL B 69 8.11 -6.82 5.86
N TYR B 70 8.38 -5.98 4.86
CA TYR B 70 7.56 -5.93 3.66
C TYR B 70 7.59 -7.17 2.75
N ALA B 71 8.63 -7.98 2.86
CA ALA B 71 8.70 -9.18 2.03
C ALA B 71 7.56 -10.11 2.43
N LYS B 72 7.05 -9.95 3.65
CA LYS B 72 5.94 -10.78 4.12
C LYS B 72 4.59 -10.15 3.74
N LYS B 73 4.61 -8.96 3.15
CA LYS B 73 3.38 -8.28 2.79
C LYS B 73 3.08 -8.30 1.29
N PHE B 74 4.12 -8.10 0.49
CA PHE B 74 3.97 -8.06 -0.95
C PHE B 74 4.43 -9.30 -1.69
N LYS B 75 3.70 -9.64 -2.75
CA LYS B 75 4.03 -10.79 -3.57
C LYS B 75 5.16 -10.41 -4.53
N ASP B 76 5.94 -11.41 -4.93
CA ASP B 76 7.06 -11.20 -5.84
C ASP B 76 8.04 -10.19 -5.22
N TYR B 77 8.14 -10.22 -3.89
CA TYR B 77 9.02 -9.33 -3.17
C TYR B 77 10.11 -10.15 -2.47
N SER B 78 11.29 -10.23 -3.09
CA SER B 78 12.41 -11.01 -2.54
C SER B 78 12.76 -10.63 -1.11
N ILE B 79 13.28 -11.60 -0.38
CA ILE B 79 13.64 -11.37 0.99
C ILE B 79 15.05 -11.91 1.17
N LEU B 80 15.76 -11.40 2.17
CA LEU B 80 17.10 -11.86 2.45
C LEU B 80 17.03 -13.17 3.20
N THR B 81 18.01 -14.03 2.97
CA THR B 81 18.06 -15.32 3.66
C THR B 81 18.71 -15.04 5.00
N GLU B 82 18.64 -16.00 5.92
CA GLU B 82 19.23 -15.81 7.24
C GLU B 82 20.72 -15.55 7.07
N ARG B 83 21.36 -16.36 6.23
CA ARG B 83 22.78 -16.23 5.96
C ARG B 83 23.10 -14.81 5.50
N GLN B 84 22.34 -14.33 4.52
CA GLN B 84 22.58 -12.99 4.00
C GLN B 84 22.43 -11.91 5.04
N LEU B 85 21.34 -11.96 5.81
CA LEU B 85 21.11 -10.98 6.86
C LEU B 85 22.29 -10.94 7.82
N ARG B 86 22.62 -12.10 8.38
CA ARG B 86 23.72 -12.21 9.34
C ARG B 86 25.06 -11.84 8.74
N PHE B 87 25.23 -12.09 7.45
CA PHE B 87 26.46 -11.74 6.78
C PHE B 87 26.62 -10.22 6.82
N ILE B 88 25.60 -9.50 6.39
CA ILE B 88 25.63 -8.05 6.39
C ILE B 88 25.80 -7.44 7.78
N GLU B 89 25.12 -8.00 8.77
CA GLU B 89 25.23 -7.49 10.15
C GLU B 89 26.66 -7.60 10.65
N ASP B 90 27.29 -8.74 10.39
CA ASP B 90 28.64 -8.99 10.84
C ASP B 90 29.62 -8.06 10.12
N LYS B 91 29.23 -7.56 8.95
CA LYS B 91 30.11 -6.68 8.18
C LYS B 91 30.02 -5.22 8.61
N ILE B 92 28.91 -4.83 9.23
CA ILE B 92 28.71 -3.45 9.65
C ILE B 92 28.61 -3.30 11.17
N LYS B 93 28.72 -4.42 11.89
CA LYS B 93 28.59 -4.39 13.34
C LYS B 93 29.48 -3.40 14.06
N ALA B 94 30.65 -3.15 13.50
CA ALA B 94 31.60 -2.25 14.13
C ALA B 94 31.49 -0.80 13.70
N LYS B 95 30.61 -0.51 12.75
CA LYS B 95 30.46 0.86 12.27
C LYS B 95 29.01 1.33 12.13
N ALA B 96 28.07 0.43 12.34
CA ALA B 96 26.66 0.77 12.20
C ALA B 96 25.95 1.21 13.48
N LYS B 97 24.94 2.05 13.29
CA LYS B 97 24.10 2.52 14.37
C LYS B 97 22.70 2.32 13.83
N VAL B 98 22.01 1.33 14.39
CA VAL B 98 20.66 1.00 13.98
C VAL B 98 19.65 1.74 14.84
N VAL B 99 18.88 2.60 14.19
CA VAL B 99 17.86 3.42 14.84
C VAL B 99 16.44 3.03 14.42
N TYR B 100 15.66 2.55 15.38
CA TYR B 100 14.28 2.15 15.12
C TYR B 100 13.30 3.26 15.52
N LEU B 101 12.59 3.81 14.54
CA LEU B 101 11.63 4.88 14.81
C LEU B 101 10.22 4.34 14.65
N HIS B 102 9.37 4.63 15.65
CA HIS B 102 8.00 4.15 15.60
C HIS B 102 7.02 5.04 16.33
N ALA B 103 5.78 4.56 16.40
CA ALA B 103 4.72 5.29 17.06
C ALA B 103 3.55 4.35 17.28
N ASP B 104 2.63 4.76 18.15
CA ASP B 104 1.47 3.93 18.42
C ASP B 104 0.65 3.79 17.16
N PRO B 105 0.04 2.63 16.97
CA PRO B 105 -0.78 2.39 15.78
C PRO B 105 -1.74 3.55 15.51
N SER B 106 -2.37 4.06 16.56
CA SER B 106 -3.32 5.16 16.44
C SER B 106 -2.68 6.48 16.07
N VAL B 107 -1.45 6.66 16.50
CA VAL B 107 -0.71 7.88 16.23
C VAL B 107 -0.35 7.96 14.76
N ILE B 108 0.03 6.83 14.20
CA ILE B 108 0.39 6.76 12.79
C ILE B 108 -0.86 6.93 11.95
N LYS B 109 -1.92 6.22 12.33
CA LYS B 109 -3.17 6.31 11.60
C LYS B 109 -3.55 7.78 11.45
N LYS B 110 -3.61 8.49 12.56
CA LYS B 110 -3.95 9.91 12.54
C LYS B 110 -3.03 10.68 11.59
N ARG B 111 -1.76 10.28 11.54
CA ARG B 111 -0.77 10.94 10.69
C ARG B 111 -0.99 10.77 9.20
N LEU B 112 -1.75 9.74 8.82
CA LEU B 112 -2.05 9.48 7.41
C LEU B 112 -3.49 9.83 7.05
N ARG B 113 -4.04 10.86 7.69
CA ARG B 113 -5.42 11.26 7.41
C ARG B 113 -5.58 11.83 5.99
N VAL B 114 -5.80 10.94 5.03
CA VAL B 114 -5.99 11.33 3.63
C VAL B 114 -7.20 10.60 3.08
N ARG B 115 -7.49 9.45 3.68
CA ARG B 115 -8.63 8.62 3.27
C ARG B 115 -8.59 7.29 4.03
N GLY B 116 -9.67 7.01 4.77
CA GLY B 116 -9.77 5.79 5.55
C GLY B 116 -9.48 4.51 4.78
N ASP B 117 -9.55 4.57 3.46
CA ASP B 117 -9.31 3.41 2.61
C ASP B 117 -7.83 3.04 2.53
N GLU B 118 -6.95 4.04 2.52
CA GLU B 118 -5.50 3.79 2.43
C GLU B 118 -5.05 2.91 3.60
N TYR B 119 -5.65 3.13 4.76
CA TYR B 119 -5.34 2.39 5.97
C TYR B 119 -5.53 0.89 5.76
N ASP B 124 -3.27 -3.87 8.88
CA ASP B 124 -2.35 -3.15 8.01
C ASP B 124 -1.24 -2.55 8.85
N ILE B 125 -1.49 -1.36 9.41
CA ILE B 125 -0.51 -0.69 10.25
C ILE B 125 -0.18 -1.52 11.50
N ASP B 126 -1.22 -2.05 12.12
CA ASP B 126 -1.03 -2.86 13.31
C ASP B 126 -0.16 -4.06 13.00
N SER B 127 -0.40 -4.68 11.86
CA SER B 127 0.37 -5.85 11.45
C SER B 127 1.81 -5.50 11.09
N ILE B 128 2.02 -4.33 10.51
CA ILE B 128 3.37 -3.92 10.14
C ILE B 128 4.23 -3.61 11.38
N LEU B 129 3.64 -2.95 12.35
CA LEU B 129 4.34 -2.59 13.58
C LEU B 129 4.76 -3.84 14.32
N GLU B 130 3.86 -4.82 14.36
CA GLU B 130 4.14 -6.08 15.04
C GLU B 130 5.33 -6.76 14.37
N LEU B 131 5.38 -6.72 13.04
CA LEU B 131 6.48 -7.32 12.28
C LEU B 131 7.80 -6.60 12.57
N TYR B 132 7.78 -5.27 12.59
CA TYR B 132 8.97 -4.51 12.89
C TYR B 132 9.49 -4.90 14.26
N ARG B 133 8.62 -4.91 15.25
CA ARG B 133 9.03 -5.27 16.59
C ARG B 133 9.74 -6.62 16.60
N GLU B 134 9.12 -7.61 15.95
CA GLU B 134 9.69 -8.95 15.89
C GLU B 134 11.03 -8.94 15.14
N VAL B 135 11.07 -8.25 14.01
CA VAL B 135 12.30 -8.17 13.23
C VAL B 135 13.40 -7.48 14.03
N MSE B 136 13.07 -6.34 14.62
CA MSE B 136 14.04 -5.59 15.40
C MSE B 136 14.47 -6.39 16.60
O MSE B 136 15.65 -6.39 16.96
CB MSE B 136 13.45 -4.27 15.87
CG MSE B 136 13.09 -3.32 14.72
SE MSE B 136 14.49 -3.16 13.35
CE MSE B 136 15.96 -2.62 14.47
N SER B 137 13.52 -7.06 17.24
CA SER B 137 13.83 -7.85 18.42
C SER B 137 14.72 -9.04 18.06
N ASN B 138 14.79 -9.36 16.78
CA ASN B 138 15.62 -10.47 16.31
C ASN B 138 16.91 -10.00 15.68
N ALA B 139 17.10 -8.68 15.63
CA ALA B 139 18.32 -8.13 15.06
C ALA B 139 19.50 -8.63 15.85
N GLY B 140 20.65 -8.74 15.17
CA GLY B 140 21.85 -9.22 15.83
C GLY B 140 22.75 -8.07 16.19
N LEU B 141 22.27 -6.84 16.01
CA LEU B 141 23.06 -5.67 16.34
C LEU B 141 22.38 -4.88 17.45
N HIS B 142 23.15 -4.06 18.15
CA HIS B 142 22.57 -3.23 19.19
C HIS B 142 21.71 -2.23 18.45
N THR B 143 20.53 -1.93 18.96
CA THR B 143 19.67 -0.97 18.30
C THR B 143 19.22 0.11 19.29
N TYR B 144 18.71 1.20 18.74
CA TYR B 144 18.20 2.31 19.52
C TYR B 144 16.82 2.60 18.96
N SER B 145 15.84 2.75 19.83
CA SER B 145 14.48 3.02 19.39
C SER B 145 13.98 4.31 20.00
N TRP B 146 13.12 5.00 19.27
CA TRP B 146 12.54 6.24 19.70
C TRP B 146 11.06 6.20 19.35
N ASP B 147 10.24 6.64 20.28
CA ASP B 147 8.80 6.68 20.07
C ASP B 147 8.59 8.08 19.55
N THR B 148 8.39 8.20 18.25
CA THR B 148 8.20 9.49 17.60
C THR B 148 6.96 10.20 18.10
N GLY B 149 6.16 9.47 18.87
CA GLY B 149 4.93 10.01 19.44
C GLY B 149 5.20 10.76 20.72
N GLN B 150 6.41 10.59 21.27
CA GLN B 150 6.79 11.26 22.51
C GLN B 150 7.97 12.19 22.30
N TRP B 151 8.83 11.86 21.32
CA TRP B 151 10.01 12.67 21.01
C TRP B 151 9.94 13.24 19.60
N SER B 152 10.40 14.48 19.44
CA SER B 152 10.36 15.13 18.15
C SER B 152 11.54 14.73 17.28
N SER B 153 11.35 14.90 15.98
CA SER B 153 12.37 14.57 14.99
C SER B 153 13.65 15.33 15.28
N ASP B 154 13.48 16.53 15.83
CA ASP B 154 14.60 17.39 16.15
C ASP B 154 15.40 16.89 17.35
N GLU B 155 14.70 16.41 18.37
CA GLU B 155 15.36 15.88 19.56
C GLU B 155 16.02 14.55 19.25
N ILE B 156 15.41 13.77 18.35
CA ILE B 156 15.98 12.49 17.96
C ILE B 156 17.30 12.72 17.21
N ALA B 157 17.29 13.60 16.21
CA ALA B 157 18.50 13.91 15.44
C ALA B 157 19.62 14.36 16.36
N LYS B 158 19.32 15.31 17.23
CA LYS B 158 20.31 15.82 18.16
C LYS B 158 20.94 14.70 19.00
N ASP B 159 20.13 13.75 19.47
CA ASP B 159 20.67 12.64 20.27
C ASP B 159 21.66 11.80 19.47
N ILE B 160 21.27 11.46 18.24
CA ILE B 160 22.09 10.66 17.34
C ILE B 160 23.37 11.41 16.97
N ILE B 161 23.25 12.72 16.75
CA ILE B 161 24.41 13.52 16.41
C ILE B 161 25.34 13.56 17.62
N PHE B 162 24.77 13.77 18.79
CA PHE B 162 25.56 13.83 20.02
C PHE B 162 26.29 12.52 20.22
N LEU B 163 25.55 11.43 19.98
CA LEU B 163 26.11 10.10 20.14
C LEU B 163 27.28 9.85 19.19
N VAL B 164 27.06 10.07 17.90
CA VAL B 164 28.11 9.89 16.90
C VAL B 164 29.35 10.72 17.22
N GLU B 165 29.16 11.95 17.68
CA GLU B 165 30.29 12.81 18.03
C GLU B 165 31.10 12.21 19.16
N LEU B 166 30.45 11.50 20.07
CA LEU B 166 31.16 10.91 21.19
C LEU B 166 32.09 9.79 20.77
N GLU B 167 31.55 8.84 20.01
CA GLU B 167 32.34 7.70 19.56
C GLU B 167 33.52 8.17 18.73
N HIS B 168 33.32 9.24 17.97
CA HIS B 168 34.39 9.81 17.13
C HIS B 168 35.38 10.60 17.97
N HIS B 169 35.11 10.68 19.28
CA HIS B 169 35.94 11.42 20.21
C HIS B 169 36.09 12.87 19.77
N HIS B 170 34.98 13.50 19.42
CA HIS B 170 34.95 14.89 19.00
C HIS B 170 34.10 15.70 19.97
N HIS B 171 34.33 17.01 20.01
CA HIS B 171 33.56 17.88 20.90
C HIS B 171 32.19 18.22 20.30
N HIS B 172 31.43 19.05 21.01
CA HIS B 172 30.09 19.43 20.56
C HIS B 172 30.02 20.90 20.17
PB G3D C . -11.57 6.81 -5.25
O1B G3D C . -10.22 6.29 -4.76
O2B G3D C . -12.08 6.27 -6.51
O3B G3D C . -12.67 6.54 -4.05
PA G3D C . -12.64 9.42 -4.79
O3A G3D C . -11.56 8.36 -5.31
O1A G3D C . -13.96 9.21 -5.39
O2A G3D C . -12.53 9.43 -3.25
O5' G3D C . -12.07 10.83 -5.46
C5' G3D C . -10.59 10.91 -5.29
C4' G3D C . -10.49 12.51 -5.40
O4' G3D C . -10.84 13.07 -6.68
C3' G3D C . -11.20 13.32 -4.45
O3' G3D C . -10.41 14.36 -3.93
C2' G3D C . -12.57 13.77 -5.05
O2' G3D C . -12.98 14.93 -4.57
C1' G3D C . -11.82 14.10 -6.56
N9 G3D C . -12.93 14.24 -7.58
C8 G3D C . -14.17 13.61 -7.45
N7 G3D C . -14.71 14.05 -8.61
C5 G3D C . -13.96 14.99 -9.32
C6 G3D C . -14.26 15.56 -10.40
O6 G3D C . -15.18 15.60 -11.26
N1 G3D C . -13.09 16.40 -10.87
C2 G3D C . -12.07 16.39 -10.10
N2 G3D C . -10.90 17.16 -10.64
N3 G3D C . -11.74 15.71 -9.02
C4 G3D C . -12.83 15.05 -8.66
P1 G3D C . -10.16 14.64 -2.63
O4P G3D C . -11.09 15.58 -2.11
O5P G3D C . -8.72 15.35 -2.75
O6P G3D C . -9.77 13.49 -1.70
MG MG D . -12.72 5.07 -2.39
PB G3D E . 8.62 8.76 7.37
O1B G3D E . 7.52 7.99 6.65
O2B G3D E . 9.09 8.22 8.65
O3B G3D E . 9.90 8.91 6.33
PA G3D E . 9.04 11.59 7.28
O3A G3D E . 8.20 10.25 7.56
O1A G3D E . 10.27 11.65 8.05
O2A G3D E . 9.11 11.74 5.74
O5' G3D E . 8.04 12.73 7.95
C5' G3D E . 6.63 12.25 7.96
C4' G3D E . 5.97 13.64 8.40
O4' G3D E . 6.15 14.00 9.78
C3' G3D E . 6.30 14.84 7.67
O3' G3D E . 5.16 15.61 7.36
C2' G3D E . 7.44 15.62 8.40
O2' G3D E . 7.38 16.91 8.19
C1' G3D E . 6.69 15.33 9.92
N9 G3D E . 7.72 15.62 10.99
C8 G3D E . 9.09 15.63 10.75
N7 G3D E . 9.49 15.94 12.00
C5 G3D E . 8.48 16.25 12.90
C6 G3D E . 8.59 16.58 14.11
O6 G3D E . 9.49 16.77 14.99
N1 G3D E . 7.23 16.69 14.75
C2 G3D E . 6.24 16.47 13.96
N2 G3D E . 4.90 16.51 14.64
N3 G3D E . 6.13 16.03 12.72
C4 G3D E . 7.37 16.00 12.24
P1 G3D E . 4.51 16.24 6.22
O4P G3D E . 5.02 17.56 5.94
O5P G3D E . 2.92 16.35 6.44
O6P G3D E . 4.52 15.25 5.05
MG MG F . 11.01 8.02 4.34
#